data_4BZP
#
_entry.id   4BZP
#
_cell.length_a   43.630
_cell.length_b   66.330
_cell.length_c   61.760
_cell.angle_alpha   90.00
_cell.angle_beta   103.59
_cell.angle_gamma   90.00
#
_symmetry.space_group_name_H-M   'P 1 21 1'
#
loop_
_entity.id
_entity.type
_entity.pdbx_description
1 polymer 'BIFUNCTIONAL ENZYME CYSN/CYSC'
2 non-polymer "ADENOSINE-5'-DIPHOSPHATE"
3 non-polymer 1,2-ETHANEDIOL
4 water water
#
_entity_poly.entity_id   1
_entity_poly.type   'polypeptide(L)'
_entity_poly.pdbx_seq_one_letter_code
;SPPRGKTVWFTGLSGSGKSSVAMLVERKLLEKGISAYVLDGDNLRHGLNADLGFSMADRAENLRRLSHVATLLADCGHLV
LVPAISPLAEHRALARKVHADAGIDFFEVFCDTPLQDCERRDPKGLYAKARAGEITHFTGIDSPYQRPKNPDLRLTPDRS
IDEQAQEVIDLLES
;
_entity_poly.pdbx_strand_id   A,B
#
# COMPACT_ATOMS: atom_id res chain seq x y z
N PRO A 2 10.71 13.24 6.16
CA PRO A 2 11.86 12.35 6.06
C PRO A 2 12.21 12.02 4.61
N PRO A 3 13.51 11.76 4.34
CA PRO A 3 13.92 11.42 2.97
C PRO A 3 13.18 10.19 2.38
N ARG A 4 12.95 10.23 1.07
CA ARG A 4 12.45 9.08 0.33
C ARG A 4 13.29 7.84 0.57
N GLY A 5 12.56 6.72 0.69
CA GLY A 5 13.17 5.42 0.76
C GLY A 5 13.48 4.88 -0.65
N LYS A 6 13.66 3.60 -0.71
CA LYS A 6 14.12 2.91 -1.91
C LYS A 6 13.54 1.54 -1.85
N THR A 7 13.57 0.84 -2.99
CA THR A 7 13.09 -0.54 -3.08
C THR A 7 14.12 -1.52 -3.57
N VAL A 8 14.27 -2.63 -2.84
CA VAL A 8 15.02 -3.77 -3.30
C VAL A 8 14.05 -4.84 -3.76
N TRP A 9 14.09 -5.19 -5.03
CA TRP A 9 13.16 -6.12 -5.68
C TRP A 9 13.93 -7.38 -5.95
N PHE A 10 13.66 -8.42 -5.17
N PHE A 10 13.71 -8.42 -5.12
CA PHE A 10 14.29 -9.68 -5.42
CA PHE A 10 14.40 -9.68 -5.26
C PHE A 10 13.67 -10.38 -6.61
C PHE A 10 13.68 -10.47 -6.38
N THR A 11 14.41 -11.36 -7.04
CA THR A 11 13.88 -12.30 -8.05
C THR A 11 14.72 -13.56 -7.97
N GLY A 12 14.08 -14.69 -8.21
CA GLY A 12 14.73 -16.00 -8.18
C GLY A 12 13.73 -17.09 -7.89
N LEU A 13 14.18 -18.32 -8.11
CA LEU A 13 13.37 -19.46 -7.89
C LEU A 13 12.87 -19.59 -6.46
N SER A 14 11.77 -20.30 -6.26
CA SER A 14 11.36 -20.70 -4.92
C SER A 14 12.51 -21.37 -4.20
N GLY A 15 12.81 -20.91 -3.00
CA GLY A 15 13.89 -21.48 -2.18
C GLY A 15 15.27 -20.98 -2.51
N SER A 16 15.39 -19.94 -3.31
CA SER A 16 16.69 -19.37 -3.63
C SER A 16 17.27 -18.47 -2.58
N GLY A 17 16.44 -18.06 -1.63
CA GLY A 17 16.90 -17.27 -0.50
C GLY A 17 16.37 -15.87 -0.41
N LYS A 18 15.41 -15.47 -1.22
CA LYS A 18 14.91 -14.11 -1.23
C LYS A 18 14.37 -13.65 0.10
N SER A 19 13.49 -14.43 0.70
CA SER A 19 12.90 -14.02 1.98
CA SER A 19 12.90 -14.05 1.98
C SER A 19 13.94 -14.07 3.09
N SER A 20 14.81 -15.08 3.06
CA SER A 20 15.83 -15.15 4.13
C SER A 20 16.70 -13.92 4.08
N VAL A 21 17.16 -13.50 2.90
CA VAL A 21 17.95 -12.31 2.78
C VAL A 21 17.18 -11.06 3.14
N ALA A 22 15.97 -10.93 2.62
CA ALA A 22 15.15 -9.76 2.89
C ALA A 22 14.94 -9.56 4.38
N MET A 23 14.58 -10.64 5.07
CA MET A 23 14.29 -10.56 6.50
CA MET A 23 14.29 -10.54 6.50
C MET A 23 15.52 -10.16 7.29
N LEU A 24 16.70 -10.67 6.91
CA LEU A 24 17.91 -10.34 7.65
C LEU A 24 18.35 -8.92 7.35
N VAL A 25 18.20 -8.45 6.12
CA VAL A 25 18.46 -7.05 5.82
C VAL A 25 17.52 -6.17 6.64
N GLU A 26 16.26 -6.54 6.71
CA GLU A 26 15.32 -5.74 7.52
C GLU A 26 15.82 -5.65 8.95
N ARG A 27 16.20 -6.77 9.55
CA ARG A 27 16.67 -6.77 10.94
CA ARG A 27 16.67 -6.73 10.94
C ARG A 27 17.90 -5.91 11.08
N LYS A 28 18.87 -6.09 10.18
CA LYS A 28 20.13 -5.31 10.26
C LYS A 28 19.85 -3.83 10.22
N LEU A 29 18.93 -3.40 9.37
CA LEU A 29 18.59 -1.97 9.22
C LEU A 29 17.80 -1.46 10.41
N LEU A 30 16.84 -2.23 10.87
CA LEU A 30 16.04 -1.84 12.05
C LEU A 30 16.93 -1.75 13.29
N GLU A 31 17.96 -2.61 13.42
CA GLU A 31 18.95 -2.49 14.53
C GLU A 31 19.62 -1.09 14.53
N LYS A 32 19.81 -0.49 13.37
CA LYS A 32 20.39 0.85 13.19
C LYS A 32 19.35 1.99 13.19
N GLY A 33 18.10 1.66 13.46
CA GLY A 33 17.02 2.68 13.47
C GLY A 33 16.62 3.12 12.06
N ILE A 34 16.91 2.33 11.01
CA ILE A 34 16.56 2.69 9.65
C ILE A 34 15.28 1.91 9.36
N SER A 35 14.29 2.62 8.86
N SER A 35 14.28 2.60 8.82
CA SER A 35 13.00 2.05 8.64
CA SER A 35 12.90 2.08 8.63
C SER A 35 13.15 1.14 7.42
C SER A 35 12.64 1.12 7.44
N ALA A 36 12.93 -0.13 7.64
CA ALA A 36 12.87 -1.12 6.57
C ALA A 36 11.62 -1.91 6.73
N TYR A 37 11.13 -2.47 5.62
CA TYR A 37 9.89 -3.21 5.62
C TYR A 37 9.92 -4.26 4.54
N VAL A 38 9.60 -5.48 4.93
CA VAL A 38 9.52 -6.59 4.01
C VAL A 38 8.10 -6.69 3.52
N LEU A 39 7.91 -6.43 2.24
CA LEU A 39 6.63 -6.45 1.57
C LEU A 39 6.49 -7.74 0.81
N ASP A 40 5.73 -8.64 1.40
CA ASP A 40 5.62 -10.01 0.84
C ASP A 40 4.19 -10.17 0.34
N GLY A 41 4.11 -10.49 -0.94
CA GLY A 41 2.83 -10.74 -1.62
C GLY A 41 1.98 -11.81 -0.94
N ASP A 42 2.61 -12.82 -0.34
CA ASP A 42 1.81 -13.87 0.31
C ASP A 42 0.97 -13.25 1.43
N ASN A 43 1.55 -12.31 2.17
CA ASN A 43 0.86 -11.55 3.22
C ASN A 43 -0.29 -10.69 2.62
N LEU A 44 -0.03 -10.05 1.51
CA LEU A 44 -1.01 -9.13 0.88
C LEU A 44 -2.19 -9.86 0.27
N ARG A 45 -1.97 -11.08 -0.18
CA ARG A 45 -3.07 -11.84 -0.79
C ARG A 45 -4.24 -12.11 0.17
N HIS A 46 -4.02 -12.00 1.46
CA HIS A 46 -5.08 -12.23 2.43
C HIS A 46 -6.00 -10.98 2.63
N GLY A 47 -5.49 -9.83 2.19
CA GLY A 47 -6.15 -8.52 2.45
C GLY A 47 -6.29 -7.74 1.15
N LEU A 48 -5.31 -6.91 0.86
CA LEU A 48 -5.33 -6.06 -0.33
C LEU A 48 -5.65 -6.83 -1.59
N ASN A 49 -4.97 -7.99 -1.70
CA ASN A 49 -5.05 -8.79 -2.90
C ASN A 49 -5.94 -10.00 -2.78
N ALA A 50 -6.87 -9.97 -1.86
CA ALA A 50 -7.83 -11.06 -1.69
C ALA A 50 -8.68 -11.33 -2.91
N ASP A 51 -8.86 -10.38 -3.79
CA ASP A 51 -9.63 -10.55 -5.00
C ASP A 51 -8.91 -11.40 -6.05
N LEU A 52 -7.60 -11.58 -5.93
CA LEU A 52 -6.82 -12.26 -6.96
C LEU A 52 -6.71 -13.75 -6.69
N GLY A 53 -6.68 -14.49 -7.79
CA GLY A 53 -6.30 -15.91 -7.74
C GLY A 53 -4.91 -16.11 -8.29
N PHE A 54 -4.67 -17.26 -8.93
CA PHE A 54 -3.36 -17.65 -9.40
C PHE A 54 -3.26 -17.91 -10.90
N SER A 55 -4.19 -17.37 -11.67
CA SER A 55 -4.05 -17.36 -13.10
C SER A 55 -2.77 -16.57 -13.47
N MET A 56 -2.27 -16.69 -14.68
CA MET A 56 -1.11 -15.93 -15.07
C MET A 56 -1.34 -14.42 -14.97
N ALA A 57 -2.51 -13.99 -15.39
CA ALA A 57 -2.88 -12.57 -15.29
C ALA A 57 -2.95 -12.10 -13.87
N ASP A 58 -3.47 -12.92 -12.98
CA ASP A 58 -3.57 -12.57 -11.59
C ASP A 58 -2.19 -12.56 -10.96
N ARG A 59 -1.29 -13.44 -11.38
CA ARG A 59 0.08 -13.38 -10.86
C ARG A 59 0.80 -12.09 -11.31
N ALA A 60 0.60 -11.63 -12.53
CA ALA A 60 1.15 -10.42 -13.03
C ALA A 60 0.56 -9.21 -12.28
N GLU A 61 -0.75 -9.24 -12.03
CA GLU A 61 -1.42 -8.13 -11.35
C GLU A 61 -0.97 -8.06 -9.89
N ASN A 62 -0.74 -9.18 -9.23
CA ASN A 62 -0.17 -9.22 -7.91
C ASN A 62 1.13 -8.41 -7.88
N LEU A 63 2.02 -8.64 -8.83
CA LEU A 63 3.29 -7.98 -8.89
C LEU A 63 3.09 -6.52 -9.23
N ARG A 64 2.18 -6.18 -10.15
CA ARG A 64 1.93 -4.78 -10.47
C ARG A 64 1.51 -4.02 -9.20
N ARG A 65 0.58 -4.60 -8.45
CA ARG A 65 0.11 -3.92 -7.25
C ARG A 65 1.25 -3.84 -6.24
N LEU A 66 2.01 -4.90 -6.06
CA LEU A 66 3.15 -4.88 -5.14
C LEU A 66 4.08 -3.72 -5.54
N SER A 67 4.33 -3.50 -6.82
CA SER A 67 5.21 -2.42 -7.20
C SER A 67 4.70 -1.04 -6.76
N HIS A 68 3.40 -0.82 -6.82
CA HIS A 68 2.82 0.44 -6.35
C HIS A 68 2.78 0.57 -4.85
N VAL A 69 2.56 -0.53 -4.12
CA VAL A 69 2.63 -0.48 -2.66
C VAL A 69 4.04 -0.18 -2.25
N ALA A 70 5.02 -0.81 -2.91
CA ALA A 70 6.40 -0.50 -2.60
C ALA A 70 6.73 0.96 -2.84
N THR A 71 6.26 1.55 -3.92
CA THR A 71 6.59 2.98 -4.19
CA THR A 71 6.57 2.93 -4.23
C THR A 71 5.95 3.82 -3.16
N LEU A 72 4.75 3.48 -2.72
CA LEU A 72 4.06 4.25 -1.66
CA LEU A 72 4.05 4.22 -1.63
C LEU A 72 4.84 4.19 -0.34
N LEU A 73 5.26 2.99 0.05
CA LEU A 73 6.00 2.86 1.30
C LEU A 73 7.33 3.59 1.18
N ALA A 74 7.99 3.51 0.05
CA ALA A 74 9.24 4.23 -0.14
C ALA A 74 9.05 5.71 -0.06
N ASP A 75 8.00 6.20 -0.64
CA ASP A 75 7.74 7.64 -0.58
C ASP A 75 7.47 8.08 0.88
N CYS A 76 6.94 7.20 1.73
CA CYS A 76 6.76 7.37 3.18
C CYS A 76 8.08 7.16 4.00
N GLY A 77 9.20 6.92 3.31
CA GLY A 77 10.51 6.89 3.93
C GLY A 77 11.13 5.51 4.18
N HIS A 78 10.43 4.45 3.84
CA HIS A 78 10.90 3.12 4.15
C HIS A 78 11.83 2.53 3.08
N LEU A 79 12.73 1.67 3.56
CA LEU A 79 13.53 0.82 2.72
C LEU A 79 12.72 -0.44 2.54
N VAL A 80 12.19 -0.63 1.33
CA VAL A 80 11.23 -1.71 1.04
C VAL A 80 11.96 -2.91 0.42
N LEU A 81 11.68 -4.08 0.92
CA LEU A 81 12.33 -5.33 0.47
C LEU A 81 11.25 -6.23 -0.04
N VAL A 82 11.28 -6.62 -1.31
CA VAL A 82 10.18 -7.39 -1.94
C VAL A 82 10.72 -8.72 -2.38
N PRO A 83 10.41 -9.79 -1.62
CA PRO A 83 10.95 -11.11 -1.97
C PRO A 83 10.05 -11.98 -2.83
N ALA A 84 9.68 -11.48 -3.98
CA ALA A 84 8.81 -12.22 -4.90
C ALA A 84 9.63 -12.94 -5.95
N ILE A 85 9.10 -14.04 -6.45
CA ILE A 85 9.79 -14.82 -7.45
C ILE A 85 10.03 -13.96 -8.68
N SER A 86 8.97 -13.25 -9.12
CA SER A 86 9.04 -12.32 -10.25
CA SER A 86 9.02 -12.32 -10.25
C SER A 86 9.69 -13.04 -11.46
N PRO A 87 9.03 -14.08 -11.97
CA PRO A 87 9.73 -14.98 -12.92
C PRO A 87 9.91 -14.43 -14.31
N LEU A 88 9.07 -13.48 -14.75
CA LEU A 88 9.17 -12.95 -16.11
C LEU A 88 9.94 -11.63 -16.13
N ALA A 89 10.80 -11.43 -17.12
CA ALA A 89 11.49 -10.20 -17.28
C ALA A 89 10.53 -9.01 -17.36
N GLU A 90 9.42 -9.18 -18.09
N GLU A 90 9.40 -9.18 -18.04
CA GLU A 90 8.51 -8.08 -18.36
CA GLU A 90 8.42 -8.10 -18.11
C GLU A 90 7.99 -7.42 -17.11
C GLU A 90 7.97 -7.69 -16.67
N HIS A 91 7.63 -8.21 -16.13
N HIS A 91 7.84 -8.66 -15.78
CA HIS A 91 7.04 -7.65 -14.91
CA HIS A 91 7.38 -8.28 -14.40
C HIS A 91 8.18 -7.10 -13.96
C HIS A 91 8.30 -7.23 -13.85
N ARG A 92 9.44 -7.51 -14.11
N ARG A 92 9.57 -7.52 -13.98
CA ARG A 92 10.52 -6.81 -13.36
CA ARG A 92 10.60 -6.79 -13.32
C ARG A 92 10.79 -5.45 -14.01
C ARG A 92 10.82 -5.44 -14.01
N ALA A 93 10.70 -5.41 -15.32
CA ALA A 93 10.79 -4.12 -16.05
C ALA A 93 9.64 -3.19 -15.69
N LEU A 94 8.44 -3.74 -15.62
CA LEU A 94 7.28 -2.91 -15.25
C LEU A 94 7.45 -2.37 -13.86
N ALA A 95 7.86 -3.23 -12.92
CA ALA A 95 8.03 -2.79 -11.54
C ALA A 95 9.11 -1.70 -11.43
N ARG A 96 10.19 -1.82 -12.18
CA ARG A 96 11.23 -0.80 -12.18
C ARG A 96 10.62 0.52 -12.71
N LYS A 97 9.84 0.44 -13.78
CA LYS A 97 9.30 1.67 -14.39
C LYS A 97 8.35 2.35 -13.42
N VAL A 98 7.54 1.65 -12.66
CA VAL A 98 6.70 2.25 -11.66
C VAL A 98 7.57 3.08 -10.70
N HIS A 99 8.66 2.51 -10.27
CA HIS A 99 9.56 3.22 -9.34
C HIS A 99 10.21 4.41 -10.02
N ALA A 100 10.72 4.24 -11.22
CA ALA A 100 11.39 5.35 -11.89
C ALA A 100 10.41 6.48 -12.14
N ASP A 101 9.20 6.15 -12.54
CA ASP A 101 8.18 7.21 -12.78
C ASP A 101 7.90 8.00 -11.51
N ALA A 102 7.98 7.35 -10.35
CA ALA A 102 7.79 7.98 -9.05
C ALA A 102 9.02 8.64 -8.46
N GLY A 103 10.16 8.55 -9.12
CA GLY A 103 11.32 9.07 -8.51
C GLY A 103 12.02 8.26 -7.45
N ILE A 104 11.72 6.97 -7.38
CA ILE A 104 12.21 6.14 -6.29
C ILE A 104 13.29 5.18 -6.77
N ASP A 105 14.43 5.12 -6.09
CA ASP A 105 15.50 4.18 -6.40
C ASP A 105 14.99 2.73 -6.31
N PHE A 106 15.43 1.91 -7.26
CA PHE A 106 14.99 0.54 -7.41
C PHE A 106 16.19 -0.31 -7.73
N PHE A 107 16.31 -1.43 -7.04
CA PHE A 107 17.41 -2.37 -7.26
C PHE A 107 16.83 -3.75 -7.52
N GLU A 108 17.24 -4.36 -8.62
CA GLU A 108 16.88 -5.73 -9.00
CA GLU A 108 16.88 -5.72 -8.98
C GLU A 108 17.98 -6.63 -8.44
N VAL A 109 17.63 -7.48 -7.51
CA VAL A 109 18.58 -8.37 -6.85
C VAL A 109 18.22 -9.79 -7.20
N PHE A 110 19.09 -10.50 -7.92
CA PHE A 110 18.88 -11.86 -8.38
C PHE A 110 19.49 -12.88 -7.43
N CYS A 111 18.66 -13.69 -6.78
CA CYS A 111 19.10 -14.79 -5.96
C CYS A 111 19.34 -15.94 -6.88
N ASP A 112 20.56 -16.03 -7.38
CA ASP A 112 20.97 -17.02 -8.40
C ASP A 112 21.44 -18.31 -7.79
N THR A 113 20.48 -19.09 -7.32
CA THR A 113 20.70 -20.44 -6.79
C THR A 113 20.07 -21.42 -7.76
N PRO A 114 20.84 -22.41 -8.19
CA PRO A 114 20.32 -23.38 -9.17
C PRO A 114 19.12 -24.16 -8.66
N LEU A 115 18.27 -24.59 -9.56
CA LEU A 115 17.15 -25.40 -9.23
C LEU A 115 17.51 -26.55 -8.28
N GLN A 116 18.54 -27.32 -8.59
CA GLN A 116 18.88 -28.47 -7.76
CA GLN A 116 18.81 -28.47 -7.76
C GLN A 116 19.11 -28.09 -6.32
N ASP A 117 19.76 -26.95 -6.12
CA ASP A 117 20.03 -26.50 -4.77
C ASP A 117 18.73 -26.04 -4.13
N CYS A 118 17.89 -25.31 -4.86
CA CYS A 118 16.60 -24.85 -4.30
C CYS A 118 15.71 -26.01 -3.90
N GLU A 119 15.69 -27.01 -4.76
CA GLU A 119 14.88 -28.19 -4.50
C GLU A 119 15.42 -28.98 -3.30
N ARG A 120 16.73 -29.06 -3.14
CA ARG A 120 17.24 -29.69 -1.90
C ARG A 120 16.92 -28.92 -0.64
N ARG A 121 16.86 -27.59 -0.73
CA ARG A 121 16.44 -26.77 0.38
C ARG A 121 14.93 -27.04 0.70
N ASP A 122 14.07 -26.78 -0.29
CA ASP A 122 12.62 -27.00 -0.18
C ASP A 122 12.03 -26.73 1.23
N PRO A 123 12.21 -25.53 1.77
CA PRO A 123 11.91 -25.25 3.17
C PRO A 123 10.47 -25.39 3.58
N LYS A 124 9.55 -25.26 2.61
CA LYS A 124 8.13 -25.28 2.86
C LYS A 124 7.47 -26.48 2.17
N GLY A 125 8.28 -27.39 1.59
CA GLY A 125 7.73 -28.56 0.93
C GLY A 125 7.00 -28.29 -0.36
N LEU A 126 7.14 -27.11 -0.95
CA LEU A 126 6.49 -26.76 -2.20
C LEU A 126 7.05 -27.57 -3.36
N TYR A 127 8.35 -27.84 -3.40
CA TYR A 127 8.93 -28.69 -4.48
C TYR A 127 8.34 -30.09 -4.33
N ALA A 128 8.25 -30.62 -3.11
CA ALA A 128 7.66 -31.97 -2.95
C ALA A 128 6.22 -31.98 -3.46
N LYS A 129 5.43 -30.94 -3.19
CA LYS A 129 4.07 -30.88 -3.74
C LYS A 129 4.12 -30.83 -5.26
N ALA A 130 4.98 -30.02 -5.86
CA ALA A 130 5.05 -29.89 -7.31
C ALA A 130 5.39 -31.23 -7.94
N ARG A 131 6.34 -31.94 -7.37
CA ARG A 131 6.76 -33.21 -7.95
C ARG A 131 5.68 -34.26 -7.81
N ALA A 132 4.77 -34.14 -6.85
CA ALA A 132 3.68 -35.05 -6.65
C ALA A 132 2.47 -34.64 -7.53
N GLY A 133 2.60 -33.55 -8.30
CA GLY A 133 1.49 -33.04 -9.14
C GLY A 133 0.44 -32.26 -8.41
N GLU A 134 0.72 -31.85 -7.17
CA GLU A 134 -0.23 -31.12 -6.38
C GLU A 134 -0.17 -29.62 -6.60
N ILE A 135 0.88 -29.17 -7.18
CA ILE A 135 1.00 -27.74 -7.61
C ILE A 135 1.42 -27.84 -9.05
N THR A 136 0.75 -27.10 -9.93
CA THR A 136 1.19 -27.01 -11.33
C THR A 136 1.51 -25.51 -11.64
N HIS A 137 2.11 -25.30 -12.81
CA HIS A 137 2.66 -24.00 -13.22
C HIS A 137 3.61 -23.46 -12.16
N PHE A 138 4.44 -24.36 -11.66
CA PHE A 138 5.42 -24.05 -10.63
C PHE A 138 6.69 -23.60 -11.34
N THR A 139 7.10 -22.36 -11.07
CA THR A 139 8.26 -21.75 -11.74
C THR A 139 9.51 -22.60 -11.53
N GLY A 140 10.18 -22.91 -12.63
CA GLY A 140 11.38 -23.74 -12.61
C GLY A 140 11.15 -25.20 -12.94
N ILE A 141 9.90 -25.62 -12.90
CA ILE A 141 9.51 -27.02 -13.16
C ILE A 141 8.61 -27.06 -14.38
N ASP A 142 7.45 -26.48 -14.27
CA ASP A 142 6.51 -26.48 -15.44
C ASP A 142 5.99 -25.10 -15.75
N SER A 143 6.80 -24.08 -15.48
CA SER A 143 6.56 -22.72 -15.86
C SER A 143 7.94 -22.04 -15.88
N PRO A 144 8.17 -21.15 -16.81
CA PRO A 144 9.54 -20.66 -16.97
C PRO A 144 10.00 -19.63 -15.96
N TYR A 145 11.28 -19.69 -15.64
CA TYR A 145 11.95 -18.61 -14.92
C TYR A 145 12.84 -17.92 -15.96
N GLN A 146 12.68 -16.63 -16.19
CA GLN A 146 13.51 -15.87 -17.16
C GLN A 146 14.61 -15.20 -16.34
N ARG A 147 15.83 -15.62 -16.51
CA ARG A 147 16.92 -15.15 -15.64
C ARG A 147 17.20 -13.69 -15.96
N PRO A 148 17.41 -12.85 -14.93
CA PRO A 148 17.80 -11.48 -15.13
C PRO A 148 19.13 -11.35 -15.91
N LYS A 149 19.09 -10.52 -16.94
CA LYS A 149 20.30 -10.26 -17.76
C LYS A 149 21.17 -9.16 -17.23
N ASN A 150 20.56 -8.22 -16.50
CA ASN A 150 21.29 -7.03 -16.03
C ASN A 150 20.92 -6.67 -14.57
N PRO A 151 20.91 -7.67 -13.68
CA PRO A 151 20.53 -7.28 -12.32
C PRO A 151 21.51 -6.32 -11.67
N ASP A 152 21.06 -5.54 -10.71
CA ASP A 152 21.96 -4.68 -9.97
C ASP A 152 22.92 -5.47 -9.08
N LEU A 153 22.52 -6.65 -8.59
CA LEU A 153 23.31 -7.47 -7.73
C LEU A 153 22.90 -8.91 -7.93
N ARG A 154 23.85 -9.81 -8.00
CA ARG A 154 23.61 -11.23 -8.12
CA ARG A 154 23.62 -11.23 -8.12
C ARG A 154 24.12 -11.88 -6.86
N LEU A 155 23.25 -12.52 -6.09
CA LEU A 155 23.57 -13.24 -4.86
C LEU A 155 23.76 -14.70 -5.17
N THR A 156 24.80 -15.32 -4.64
CA THR A 156 25.15 -16.67 -4.98
C THR A 156 25.22 -17.54 -3.72
N PRO A 157 24.96 -18.86 -3.86
CA PRO A 157 24.75 -19.74 -2.70
C PRO A 157 26.00 -20.08 -1.92
N ASP A 158 27.18 -19.77 -2.45
CA ASP A 158 28.43 -19.92 -1.70
C ASP A 158 28.57 -18.94 -0.54
N ARG A 159 27.83 -17.85 -0.59
CA ARG A 159 27.87 -16.85 0.44
CA ARG A 159 27.85 -16.82 0.43
C ARG A 159 26.70 -17.10 1.39
N SER A 160 26.94 -16.86 2.66
CA SER A 160 25.92 -17.08 3.68
C SER A 160 24.82 -16.05 3.60
N ILE A 161 23.71 -16.32 4.30
CA ILE A 161 22.60 -15.34 4.33
C ILE A 161 23.08 -14.02 4.88
N ASP A 162 23.89 -14.07 5.96
CA ASP A 162 24.49 -12.88 6.54
C ASP A 162 25.38 -12.09 5.54
N GLU A 163 26.19 -12.82 4.81
CA GLU A 163 27.07 -12.22 3.81
C GLU A 163 26.27 -11.58 2.72
N GLN A 164 25.25 -12.29 2.25
CA GLN A 164 24.37 -11.75 1.19
CA GLN A 164 24.37 -11.76 1.18
C GLN A 164 23.61 -10.51 1.65
N ALA A 165 23.13 -10.53 2.88
CA ALA A 165 22.43 -9.38 3.46
C ALA A 165 23.37 -8.17 3.49
N GLN A 166 24.63 -8.38 3.91
CA GLN A 166 25.55 -7.28 3.89
C GLN A 166 25.83 -6.78 2.48
N GLU A 167 25.84 -7.67 1.48
CA GLU A 167 26.02 -7.23 0.11
CA GLU A 167 26.02 -7.24 0.09
C GLU A 167 24.89 -6.32 -0.34
N VAL A 168 23.65 -6.64 0.07
CA VAL A 168 22.49 -5.79 -0.26
C VAL A 168 22.66 -4.42 0.39
N ILE A 169 23.06 -4.40 1.67
CA ILE A 169 23.25 -3.11 2.36
C ILE A 169 24.36 -2.32 1.70
N ASP A 170 25.43 -2.99 1.27
CA ASP A 170 26.54 -2.30 0.58
C ASP A 170 26.01 -1.67 -0.70
N LEU A 171 25.15 -2.37 -1.41
CA LEU A 171 24.56 -1.85 -2.66
C LEU A 171 23.79 -0.58 -2.38
N LEU A 172 23.00 -0.61 -1.31
CA LEU A 172 22.16 0.52 -0.91
C LEU A 172 22.97 1.71 -0.57
N GLU A 173 24.15 1.45 -0.01
CA GLU A 173 24.97 2.55 0.47
C GLU A 173 25.95 3.04 -0.58
N SER A 174 26.03 2.39 -1.73
CA SER A 174 27.00 2.70 -2.80
C SER A 174 26.59 3.94 -3.58
N PRO B 2 8.60 0.76 15.44
CA PRO B 2 7.75 1.85 15.94
C PRO B 2 6.40 1.34 16.46
N PRO B 3 5.79 2.08 17.42
CA PRO B 3 4.40 1.76 17.79
C PRO B 3 3.48 1.81 16.55
N ARG B 4 2.50 0.92 16.52
CA ARG B 4 1.45 0.97 15.51
C ARG B 4 0.83 2.36 15.45
N GLY B 5 0.54 2.77 14.22
CA GLY B 5 -0.23 3.97 13.94
C GLY B 5 -1.72 3.69 14.04
N LYS B 6 -2.49 4.56 13.43
CA LYS B 6 -3.95 4.61 13.53
C LYS B 6 -4.48 5.19 12.24
N THR B 7 -5.74 4.99 11.96
CA THR B 7 -6.40 5.55 10.79
C THR B 7 -7.52 6.44 11.19
N VAL B 8 -7.59 7.61 10.57
CA VAL B 8 -8.78 8.48 10.56
C VAL B 8 -9.46 8.41 9.22
N TRP B 9 -10.68 7.94 9.17
CA TRP B 9 -11.43 7.72 7.95
C TRP B 9 -12.49 8.80 7.89
N PHE B 10 -12.35 9.72 6.99
N PHE B 10 -12.31 9.81 7.04
CA PHE B 10 -13.36 10.70 6.83
CA PHE B 10 -13.24 10.96 6.90
C PHE B 10 -14.50 10.14 6.02
C PHE B 10 -14.29 10.67 5.81
N THR B 11 -15.58 10.86 6.12
CA THR B 11 -16.72 10.61 5.26
C THR B 11 -17.54 11.89 5.18
N GLY B 12 -18.15 12.13 4.05
CA GLY B 12 -18.98 13.26 3.87
C GLY B 12 -19.12 13.65 2.39
N LEU B 13 -20.05 14.54 2.11
CA LEU B 13 -20.30 14.97 0.73
C LEU B 13 -19.06 15.63 0.11
N SER B 14 -19.06 15.68 -1.22
CA SER B 14 -18.06 16.46 -1.96
C SER B 14 -18.13 17.87 -1.51
N GLY B 15 -17.00 18.43 -1.12
CA GLY B 15 -16.93 19.84 -0.70
C GLY B 15 -17.23 20.05 0.77
N SER B 16 -17.42 18.96 1.50
CA SER B 16 -17.67 19.10 2.95
C SER B 16 -16.47 19.43 3.81
N GLY B 17 -15.26 19.22 3.31
CA GLY B 17 -14.04 19.59 3.97
C GLY B 17 -13.07 18.45 4.38
N LYS B 18 -13.30 17.27 3.87
CA LYS B 18 -12.53 16.09 4.25
C LYS B 18 -11.03 16.29 3.92
N SER B 19 -10.71 16.67 2.68
CA SER B 19 -9.32 16.87 2.28
CA SER B 19 -9.33 16.84 2.28
C SER B 19 -8.69 18.04 2.99
N SER B 20 -9.43 19.15 3.12
CA SER B 20 -8.83 20.30 3.80
CA SER B 20 -8.95 20.34 3.85
C SER B 20 -8.46 19.96 5.24
N VAL B 21 -9.36 19.28 5.94
CA VAL B 21 -9.07 18.89 7.33
C VAL B 21 -7.94 17.86 7.37
N ALA B 22 -8.00 16.84 6.54
CA ALA B 22 -6.95 15.83 6.48
C ALA B 22 -5.57 16.41 6.25
N MET B 23 -5.46 17.32 5.27
CA MET B 23 -4.18 17.90 4.94
CA MET B 23 -4.16 17.87 4.96
C MET B 23 -3.61 18.79 6.07
N LEU B 24 -4.50 19.54 6.75
CA LEU B 24 -4.04 20.33 7.86
C LEU B 24 -3.66 19.48 9.07
N VAL B 25 -4.42 18.42 9.37
CA VAL B 25 -3.99 17.51 10.41
C VAL B 25 -2.61 16.93 10.08
N GLU B 26 -2.43 16.55 8.83
CA GLU B 26 -1.12 15.98 8.43
C GLU B 26 0.01 16.97 8.72
N ARG B 27 -0.17 18.24 8.33
CA ARG B 27 0.85 19.25 8.60
CA ARG B 27 0.86 19.23 8.58
C ARG B 27 1.09 19.49 10.08
N LYS B 28 0.00 19.61 10.86
CA LYS B 28 0.15 19.83 12.30
C LYS B 28 0.93 18.69 12.96
N LEU B 29 0.65 17.45 12.58
CA LEU B 29 1.33 16.30 13.16
C LEU B 29 2.81 16.24 12.71
N LEU B 30 3.06 16.45 11.46
CA LEU B 30 4.42 16.41 10.94
C LEU B 30 5.25 17.50 11.60
N GLU B 31 4.65 18.67 11.87
CA GLU B 31 5.41 19.76 12.51
C GLU B 31 5.76 19.40 14.00
N LYS B 32 5.03 18.47 14.64
CA LYS B 32 5.37 17.95 15.97
C LYS B 32 6.27 16.73 15.91
N GLY B 33 6.68 16.31 14.71
CA GLY B 33 7.52 15.11 14.56
C GLY B 33 6.75 13.79 14.57
N ILE B 34 5.44 13.83 14.30
CA ILE B 34 4.60 12.64 14.27
C ILE B 34 4.35 12.27 12.81
N SER B 35 4.53 10.99 12.46
N SER B 35 4.65 11.03 12.42
CA SER B 35 4.48 10.47 11.05
CA SER B 35 4.48 10.64 11.04
C SER B 35 3.13 10.27 10.35
C SER B 35 2.99 10.54 10.79
N ALA B 36 2.55 11.35 9.85
CA ALA B 36 1.19 11.32 9.35
C ALA B 36 1.22 11.26 7.84
N TYR B 37 0.19 10.71 7.23
CA TYR B 37 0.14 10.52 5.81
C TYR B 37 -1.26 10.59 5.31
N VAL B 38 -1.54 11.43 4.32
CA VAL B 38 -2.83 11.53 3.72
C VAL B 38 -2.88 10.54 2.56
N LEU B 39 -3.77 9.57 2.67
CA LEU B 39 -4.02 8.52 1.67
C LEU B 39 -5.26 8.86 0.92
N ASP B 40 -5.05 9.33 -0.31
CA ASP B 40 -6.17 9.82 -1.11
C ASP B 40 -6.33 8.90 -2.34
N GLY B 41 -7.53 8.33 -2.45
CA GLY B 41 -7.89 7.42 -3.53
C GLY B 41 -7.72 8.06 -4.90
N ASP B 42 -7.92 9.37 -5.02
CA ASP B 42 -7.72 9.99 -6.33
C ASP B 42 -6.27 9.80 -6.81
N ASN B 43 -5.31 9.95 -5.89
CA ASN B 43 -3.89 9.72 -6.14
C ASN B 43 -3.65 8.24 -6.53
N LEU B 44 -4.28 7.33 -5.83
CA LEU B 44 -4.05 5.87 -6.02
C LEU B 44 -4.63 5.38 -7.32
N ARG B 45 -5.69 6.02 -7.79
CA ARG B 45 -6.32 5.56 -9.00
C ARG B 45 -5.40 5.69 -10.20
N HIS B 46 -4.35 6.51 -10.10
CA HIS B 46 -3.40 6.65 -11.22
C HIS B 46 -2.35 5.48 -11.28
N GLY B 47 -2.23 4.75 -10.17
CA GLY B 47 -1.18 3.73 -10.03
C GLY B 47 -1.78 2.42 -9.55
N LEU B 48 -1.77 2.21 -8.25
CA LEU B 48 -2.30 0.98 -7.64
C LEU B 48 -3.65 0.59 -8.21
N ASN B 49 -4.53 1.58 -8.28
CA ASN B 49 -5.93 1.31 -8.63
C ASN B 49 -6.26 1.78 -10.04
N ALA B 50 -5.25 1.78 -10.89
CA ALA B 50 -5.43 2.12 -12.33
C ALA B 50 -6.37 1.18 -13.07
N ASP B 51 -6.55 -0.04 -12.59
CA ASP B 51 -7.43 -1.02 -13.20
C ASP B 51 -8.91 -0.75 -12.93
N LEU B 52 -9.23 0.13 -11.98
CA LEU B 52 -10.64 0.35 -11.58
C LEU B 52 -11.29 1.48 -12.37
N GLY B 53 -12.56 1.28 -12.71
CA GLY B 53 -13.37 2.37 -13.26
C GLY B 53 -14.25 2.92 -12.15
N PHE B 54 -15.45 3.38 -12.53
CA PHE B 54 -16.32 4.10 -11.62
C PHE B 54 -17.72 3.53 -11.47
N SER B 55 -17.87 2.26 -11.82
CA SER B 55 -19.08 1.55 -11.49
C SER B 55 -19.25 1.55 -9.97
N MET B 56 -20.44 1.25 -9.47
CA MET B 56 -20.64 1.19 -8.03
C MET B 56 -19.72 0.12 -7.38
N ALA B 57 -19.58 -1.02 -8.05
CA ALA B 57 -18.72 -2.08 -7.57
C ALA B 57 -17.23 -1.64 -7.53
N ASP B 58 -16.79 -0.93 -8.56
CA ASP B 58 -15.41 -0.45 -8.63
C ASP B 58 -15.19 0.60 -7.55
N ARG B 59 -16.18 1.44 -7.25
CA ARG B 59 -16.05 2.39 -6.16
C ARG B 59 -15.91 1.68 -4.83
N ALA B 60 -16.67 0.62 -4.60
CA ALA B 60 -16.55 -0.14 -3.39
C ALA B 60 -15.16 -0.80 -3.30
N GLU B 61 -14.68 -1.35 -4.42
CA GLU B 61 -13.40 -2.03 -4.42
C GLU B 61 -12.28 -1.06 -4.18
N ASN B 62 -12.38 0.17 -4.69
CA ASN B 62 -11.42 1.24 -4.43
C ASN B 62 -11.30 1.44 -2.91
N LEU B 63 -12.46 1.57 -2.23
CA LEU B 63 -12.48 1.77 -0.78
C LEU B 63 -11.95 0.55 -0.05
N ARG B 64 -12.26 -0.66 -0.50
CA ARG B 64 -11.75 -1.87 0.13
C ARG B 64 -10.23 -1.88 0.07
N ARG B 65 -9.67 -1.59 -1.09
CA ARG B 65 -8.24 -1.57 -1.23
C ARG B 65 -7.62 -0.43 -0.38
N LEU B 66 -8.22 0.77 -0.39
CA LEU B 66 -7.78 1.88 0.44
CA LEU B 66 -7.85 1.88 0.45
C LEU B 66 -7.73 1.43 1.93
N SER B 67 -8.70 0.67 2.38
CA SER B 67 -8.72 0.28 3.78
C SER B 67 -7.53 -0.63 4.11
N HIS B 68 -7.15 -1.52 3.20
CA HIS B 68 -5.97 -2.32 3.41
C HIS B 68 -4.67 -1.57 3.31
N VAL B 69 -4.59 -0.61 2.39
CA VAL B 69 -3.36 0.20 2.28
C VAL B 69 -3.22 1.04 3.58
N ALA B 70 -4.35 1.53 4.09
CA ALA B 70 -4.31 2.27 5.32
C ALA B 70 -3.86 1.45 6.48
N THR B 71 -4.36 0.20 6.56
CA THR B 71 -3.91 -0.67 7.68
CA THR B 71 -3.99 -0.68 7.64
C THR B 71 -2.46 -0.98 7.57
N LEU B 72 -1.98 -1.18 6.35
CA LEU B 72 -0.59 -1.45 6.15
CA LEU B 72 -0.56 -1.41 6.10
C LEU B 72 0.31 -0.27 6.58
N LEU B 73 -0.07 0.95 6.16
CA LEU B 73 0.71 2.11 6.55
C LEU B 73 0.64 2.37 8.07
N ALA B 74 -0.52 2.12 8.68
CA ALA B 74 -0.64 2.22 10.14
C ALA B 74 0.20 1.23 10.85
N ASP B 75 0.24 0.01 10.33
CA ASP B 75 1.07 -1.02 10.96
C ASP B 75 2.56 -0.63 10.85
N CYS B 76 2.94 0.12 9.82
CA CYS B 76 4.27 0.73 9.65
C CYS B 76 4.53 2.01 10.50
N GLY B 77 3.58 2.44 11.33
CA GLY B 77 3.78 3.48 12.32
C GLY B 77 3.14 4.81 11.97
N HIS B 78 2.46 4.92 10.83
CA HIS B 78 1.93 6.20 10.40
C HIS B 78 0.53 6.46 10.93
N LEU B 79 0.24 7.73 11.13
CA LEU B 79 -1.09 8.21 11.35
C LEU B 79 -1.70 8.47 9.99
N VAL B 80 -2.63 7.64 9.57
CA VAL B 80 -3.16 7.66 8.22
C VAL B 80 -4.45 8.47 8.16
N LEU B 81 -4.62 9.35 7.19
CA LEU B 81 -5.77 10.19 7.06
C LEU B 81 -6.40 9.90 5.71
N VAL B 82 -7.65 9.48 5.65
CA VAL B 82 -8.28 9.02 4.43
C VAL B 82 -9.48 9.87 4.11
N PRO B 83 -9.40 10.79 3.16
CA PRO B 83 -10.47 11.73 2.89
C PRO B 83 -11.44 11.32 1.83
N ALA B 84 -12.02 10.15 1.92
CA ALA B 84 -12.88 9.67 0.86
C ALA B 84 -14.33 9.94 1.18
N ILE B 85 -15.16 10.10 0.19
CA ILE B 85 -16.57 10.36 0.41
C ILE B 85 -17.15 9.22 1.21
N SER B 86 -16.89 7.97 0.78
CA SER B 86 -17.33 6.77 1.53
CA SER B 86 -17.40 6.70 1.38
C SER B 86 -18.86 6.86 1.77
N PRO B 87 -19.67 6.89 0.73
CA PRO B 87 -21.08 7.23 0.94
C PRO B 87 -21.94 6.18 1.61
N LEU B 88 -21.59 4.90 1.51
CA LEU B 88 -22.45 3.86 2.08
C LEU B 88 -21.93 3.42 3.44
N ALA B 89 -22.84 3.20 4.37
CA ALA B 89 -22.50 2.71 5.66
C ALA B 89 -21.70 1.42 5.57
N GLU B 90 -22.04 0.56 4.61
N GLU B 90 -22.09 0.56 4.63
CA GLU B 90 -21.31 -0.71 4.41
CA GLU B 90 -21.52 -0.80 4.55
C GLU B 90 -19.83 -0.42 4.09
C GLU B 90 -20.05 -0.73 4.37
N HIS B 91 -19.56 0.63 3.33
N HIS B 91 -19.60 0.10 3.44
CA HIS B 91 -18.13 1.00 3.02
CA HIS B 91 -18.16 0.24 3.18
C HIS B 91 -17.34 1.18 4.29
C HIS B 91 -17.36 1.03 4.28
N ARG B 92 -17.91 1.98 5.18
N ARG B 92 -17.98 1.93 5.08
CA ARG B 92 -17.25 2.40 6.36
CA ARG B 92 -17.30 2.40 6.29
C ARG B 92 -17.17 1.26 7.37
C ARG B 92 -17.17 1.26 7.32
N ALA B 93 -18.22 0.44 7.44
CA ALA B 93 -18.17 -0.74 8.35
C ALA B 93 -17.11 -1.74 7.90
N LEU B 94 -17.00 -1.97 6.60
CA LEU B 94 -16.01 -2.90 6.10
C LEU B 94 -14.61 -2.38 6.38
N ALA B 95 -14.39 -1.10 6.15
CA ALA B 95 -13.09 -0.48 6.40
C ALA B 95 -12.69 -0.55 7.85
N ARG B 96 -13.65 -0.26 8.74
CA ARG B 96 -13.40 -0.41 10.15
C ARG B 96 -13.00 -1.85 10.51
N LYS B 97 -13.72 -2.82 9.95
CA LYS B 97 -13.48 -4.22 10.27
C LYS B 97 -12.07 -4.64 9.75
N VAL B 98 -11.62 -4.16 8.61
CA VAL B 98 -10.26 -4.43 8.17
C VAL B 98 -9.26 -3.94 9.22
N HIS B 99 -9.48 -2.74 9.78
CA HIS B 99 -8.58 -2.22 10.79
C HIS B 99 -8.65 -2.99 12.09
N ALA B 100 -9.85 -3.26 12.54
CA ALA B 100 -10.02 -4.00 13.78
C ALA B 100 -9.40 -5.39 13.69
N ASP B 101 -9.59 -6.06 12.56
CA ASP B 101 -8.99 -7.41 12.39
C ASP B 101 -7.48 -7.35 12.51
N ALA B 102 -6.89 -6.27 12.10
CA ALA B 102 -5.44 -6.03 12.15
C ALA B 102 -4.92 -5.45 13.45
N GLY B 103 -5.82 -5.15 14.39
CA GLY B 103 -5.36 -4.53 15.57
C GLY B 103 -5.10 -3.06 15.55
N ILE B 104 -5.65 -2.36 14.56
CA ILE B 104 -5.34 -0.92 14.30
C ILE B 104 -6.54 -0.05 14.67
N ASP B 105 -6.28 0.95 15.50
CA ASP B 105 -7.30 1.93 15.86
C ASP B 105 -7.83 2.64 14.63
N PHE B 106 -9.12 2.83 14.60
CA PHE B 106 -9.84 3.39 13.46
C PHE B 106 -10.83 4.41 14.00
N PHE B 107 -10.91 5.58 13.38
CA PHE B 107 -11.87 6.62 13.76
C PHE B 107 -12.66 7.07 12.55
N GLU B 108 -13.97 7.02 12.63
CA GLU B 108 -14.87 7.52 11.59
CA GLU B 108 -14.84 7.54 11.60
C GLU B 108 -15.19 8.97 11.90
N VAL B 109 -14.76 9.88 11.03
CA VAL B 109 -14.98 11.31 11.18
C VAL B 109 -15.93 11.76 10.10
N PHE B 110 -17.09 12.29 10.51
CA PHE B 110 -18.13 12.76 9.61
C PHE B 110 -18.04 14.27 9.44
N CYS B 111 -17.69 14.71 8.24
CA CYS B 111 -17.69 16.13 7.89
C CYS B 111 -19.10 16.47 7.45
N ASP B 112 -19.90 16.88 8.45
CA ASP B 112 -21.32 17.09 8.25
C ASP B 112 -21.63 18.52 7.84
N THR B 113 -21.46 18.80 6.56
CA THR B 113 -21.78 20.10 5.99
C THR B 113 -22.96 19.89 5.07
N PRO B 114 -24.00 20.72 5.20
CA PRO B 114 -25.16 20.54 4.36
C PRO B 114 -24.85 20.67 2.86
N LEU B 115 -25.57 19.93 2.02
CA LEU B 115 -25.40 19.99 0.58
C LEU B 115 -25.35 21.42 0.06
N GLN B 116 -26.23 22.31 0.52
CA GLN B 116 -26.26 23.67 0.03
C GLN B 116 -24.95 24.38 0.31
N ASP B 117 -24.36 24.16 1.47
CA ASP B 117 -23.12 24.79 1.79
C ASP B 117 -21.98 24.19 1.00
N CYS B 118 -22.00 22.88 0.79
CA CYS B 118 -20.98 22.25 -0.06
C CYS B 118 -20.99 22.82 -1.47
N GLU B 119 -22.19 23.00 -1.98
CA GLU B 119 -22.37 23.57 -3.31
C GLU B 119 -21.98 25.04 -3.39
N ARG B 120 -22.21 25.82 -2.34
CA ARG B 120 -21.69 27.18 -2.32
C ARG B 120 -20.19 27.24 -2.30
N ARG B 121 -19.51 26.26 -1.69
CA ARG B 121 -18.05 26.20 -1.71
C ARG B 121 -17.56 25.82 -3.12
N ASP B 122 -18.04 24.68 -3.63
CA ASP B 122 -17.71 24.12 -4.93
C ASP B 122 -16.25 24.42 -5.35
N PRO B 123 -15.29 23.92 -4.55
CA PRO B 123 -13.90 24.31 -4.67
C PRO B 123 -13.25 23.92 -6.01
N LYS B 124 -13.74 22.90 -6.68
CA LYS B 124 -13.16 22.37 -7.89
CA LYS B 124 -13.17 22.33 -7.86
C LYS B 124 -14.13 22.46 -9.04
N GLY B 125 -15.24 23.15 -8.84
CA GLY B 125 -16.21 23.26 -9.93
C GLY B 125 -16.98 22.01 -10.26
N LEU B 126 -16.93 21.01 -9.41
CA LEU B 126 -17.69 19.78 -9.67
C LEU B 126 -19.17 19.95 -9.58
N TYR B 127 -19.67 20.76 -8.65
CA TYR B 127 -21.10 21.08 -8.62
C TYR B 127 -21.53 21.80 -9.84
N ALA B 128 -20.73 22.75 -10.32
CA ALA B 128 -21.10 23.52 -11.51
C ALA B 128 -21.19 22.56 -12.70
N LYS B 129 -20.30 21.59 -12.78
CA LYS B 129 -20.37 20.61 -13.85
C LYS B 129 -21.62 19.72 -13.71
N ALA B 130 -21.90 19.25 -12.51
CA ALA B 130 -23.10 18.40 -12.29
C ALA B 130 -24.37 19.14 -12.69
N ARG B 131 -24.51 20.41 -12.32
CA ARG B 131 -25.71 21.14 -12.59
C ARG B 131 -25.86 21.50 -14.06
N ALA B 132 -24.75 21.47 -14.81
CA ALA B 132 -24.77 21.68 -16.26
C ALA B 132 -24.94 20.36 -17.01
N GLY B 133 -24.98 19.25 -16.29
CA GLY B 133 -25.16 17.90 -16.89
C GLY B 133 -23.89 17.26 -17.44
N GLU B 134 -22.74 17.77 -17.01
CA GLU B 134 -21.44 17.24 -17.43
C GLU B 134 -20.92 16.12 -16.50
N ILE B 135 -21.50 15.99 -15.31
CA ILE B 135 -21.21 14.85 -14.38
C ILE B 135 -22.49 14.21 -13.87
N THR B 136 -22.46 12.87 -13.71
CA THR B 136 -23.57 12.06 -13.16
C THR B 136 -23.13 11.13 -12.01
N HIS B 137 -24.11 10.50 -11.36
CA HIS B 137 -23.88 9.63 -10.18
C HIS B 137 -23.08 10.30 -9.10
N PHE B 138 -23.48 11.54 -8.84
CA PHE B 138 -22.78 12.43 -7.94
C PHE B 138 -23.43 12.23 -6.56
N THR B 139 -22.63 11.80 -5.58
CA THR B 139 -23.15 11.53 -4.25
C THR B 139 -23.82 12.76 -3.63
N GLY B 140 -25.01 12.55 -3.08
CA GLY B 140 -25.77 13.61 -2.42
C GLY B 140 -26.74 14.26 -3.35
N ILE B 141 -26.61 13.98 -4.66
CA ILE B 141 -27.51 14.57 -5.64
C ILE B 141 -28.27 13.43 -6.29
N ASP B 142 -27.53 12.54 -6.96
CA ASP B 142 -28.15 11.42 -7.67
C ASP B 142 -28.05 10.13 -6.85
N SER B 143 -26.90 9.98 -6.21
CA SER B 143 -26.37 8.72 -5.71
C SER B 143 -26.44 8.93 -4.19
N PRO B 144 -26.85 7.91 -3.39
CA PRO B 144 -27.21 8.33 -2.05
C PRO B 144 -25.96 8.55 -1.19
N TYR B 145 -26.10 9.43 -0.23
CA TYR B 145 -25.13 9.53 0.86
C TYR B 145 -25.84 9.04 2.15
N GLN B 146 -25.30 8.00 2.76
CA GLN B 146 -25.91 7.43 3.99
C GLN B 146 -25.19 8.02 5.19
N ARG B 147 -25.89 8.86 5.95
CA ARG B 147 -25.27 9.59 7.02
C ARG B 147 -24.84 8.70 8.14
N PRO B 148 -23.62 8.88 8.67
CA PRO B 148 -23.15 8.09 9.80
C PRO B 148 -24.07 8.21 10.98
N LYS B 149 -24.47 7.06 11.52
CA LYS B 149 -25.32 7.03 12.69
C LYS B 149 -24.53 7.16 13.98
N ASN B 150 -23.25 6.76 13.96
CA ASN B 150 -22.44 6.70 15.17
CA ASN B 150 -22.45 6.82 15.21
C ASN B 150 -20.98 7.07 14.92
N PRO B 151 -20.72 8.22 14.31
CA PRO B 151 -19.33 8.55 14.07
C PRO B 151 -18.55 8.81 15.31
N ASP B 152 -17.23 8.67 15.26
CA ASP B 152 -16.42 9.02 16.40
C ASP B 152 -16.33 10.52 16.68
N LEU B 153 -16.46 11.30 15.60
CA LEU B 153 -16.40 12.73 15.63
C LEU B 153 -17.20 13.30 14.48
N ARG B 154 -17.97 14.31 14.75
CA ARG B 154 -18.76 14.97 13.76
C ARG B 154 -18.26 16.42 13.68
N LEU B 155 -17.78 16.81 12.51
CA LEU B 155 -17.24 18.15 12.23
C LEU B 155 -18.31 18.97 11.58
N THR B 156 -18.50 20.18 12.09
CA THR B 156 -19.56 21.08 11.65
C THR B 156 -18.99 22.38 11.05
N PRO B 157 -19.74 22.97 10.11
CA PRO B 157 -19.19 24.09 9.31
C PRO B 157 -19.14 25.41 10.04
N ASP B 158 -19.62 25.49 11.27
CA ASP B 158 -19.43 26.69 12.06
C ASP B 158 -18.01 26.86 12.58
N ARG B 159 -17.18 25.80 12.52
CA ARG B 159 -15.82 25.84 12.99
C ARG B 159 -14.88 26.09 11.78
N SER B 160 -13.73 26.62 12.06
CA SER B 160 -12.71 26.82 11.04
C SER B 160 -12.04 25.50 10.71
N ILE B 161 -11.33 25.45 9.60
CA ILE B 161 -10.54 24.25 9.27
C ILE B 161 -9.49 23.99 10.34
N ASP B 162 -8.84 25.04 10.84
CA ASP B 162 -7.88 24.87 11.91
C ASP B 162 -8.49 24.24 13.18
N GLU B 163 -9.66 24.73 13.54
CA GLU B 163 -10.36 24.25 14.70
C GLU B 163 -10.76 22.81 14.52
N GLN B 164 -11.30 22.48 13.34
CA GLN B 164 -11.68 21.09 13.02
C GLN B 164 -10.46 20.16 13.04
N ALA B 165 -9.34 20.59 12.46
CA ALA B 165 -8.13 19.79 12.50
C ALA B 165 -7.70 19.50 13.90
N GLN B 166 -7.74 20.52 14.76
CA GLN B 166 -7.34 20.29 16.14
C GLN B 166 -8.34 19.36 16.86
N GLU B 167 -9.62 19.39 16.49
CA GLU B 167 -10.60 18.45 17.08
C GLU B 167 -10.24 17.03 16.70
N VAL B 168 -9.77 16.81 15.50
CA VAL B 168 -9.32 15.49 15.06
C VAL B 168 -8.11 15.08 15.88
N ILE B 169 -7.13 15.95 16.06
CA ILE B 169 -5.95 15.62 16.85
C ILE B 169 -6.38 15.34 18.29
N ASP B 170 -7.29 16.10 18.84
CA ASP B 170 -7.72 15.85 20.24
C ASP B 170 -8.31 14.45 20.32
N LEU B 171 -9.04 14.05 19.30
CA LEU B 171 -9.63 12.67 19.30
C LEU B 171 -8.50 11.65 19.34
N LEU B 172 -7.45 11.91 18.59
CA LEU B 172 -6.32 10.97 18.48
C LEU B 172 -5.55 10.89 19.77
N GLU B 173 -5.48 12.01 20.46
CA GLU B 173 -4.68 12.11 21.67
C GLU B 173 -5.54 11.68 22.88
N SER B 174 -6.81 11.35 22.64
CA SER B 174 -7.75 10.91 23.69
C SER B 174 -7.47 9.49 24.16
#